data_1P59
#
_entry.id   1P59
#
_cell.length_a   66.321
_cell.length_b   105.896
_cell.length_c   41.518
_cell.angle_alpha   90.00
_cell.angle_beta   90.00
_cell.angle_gamma   90.00
#
_symmetry.space_group_name_H-M   'P 21 21 2'
#
loop_
_entity.id
_entity.type
_entity.pdbx_description
1 polymer "5'-D(*AP*AP*GP*AP*CP*GP*(5IU)P*GP*GP*AP*C)-3'"
2 polymer "5'-D(TP*GP*(5IU)P*CP*CP*AP*(3DR)P*GP*(5IU)P*CP*T)-3'"
3 polymer 'Endonuclease III'
4 non-polymer 'SODIUM ION'
5 non-polymer 'IRON/SULFUR CLUSTER'
6 water water
#
loop_
_entity_poly.entity_id
_entity_poly.type
_entity_poly.pdbx_seq_one_letter_code
_entity_poly.pdbx_strand_id
1 'polydeoxyribonucleotide' (DA)(DA)(DG)(DA)(DC)(DG)(5IU)(DG)(DG)(DA)(DC) B
2 'polydeoxyribonucleotide' (DT)(DG)(5IU)(DC)(DC)(DA)(3DR)(DG)(5IU)(DC)(DT) C
3 'polypeptide(L)'
;GSHMLTKQQIRYCLDEMAKMFPDAHCELVHRNPFELLIAVVLSAQCTDALVNKVTKRLFEKYRTPHDYIAVPLEELEQDI
RSIGLYRNKARNIQKLCAMLIDKYNGEVPRDRDELMKLPGVGRKTANVVVSTAFGVPAIAVDTHVERVSKRLGFCRWDDS
VLEVEKTLMKIIPKEEWSITHHRMIFFGRYHCKAQSPQCPSCPLLHLCREGKKRMRKREEKAANQK
;
A
#
# COMPACT_ATOMS: atom_id res chain seq x y z
N MET C 4 -24.07 5.11 5.77
CA MET C 4 -22.98 5.58 4.86
C MET C 4 -23.06 7.10 4.69
N LEU C 5 -21.92 7.72 4.44
CA LEU C 5 -21.86 9.17 4.25
C LEU C 5 -22.24 9.54 2.82
N THR C 6 -22.67 10.79 2.65
CA THR C 6 -23.01 11.27 1.33
C THR C 6 -21.69 11.49 0.60
N LYS C 7 -21.73 11.59 -0.72
CA LYS C 7 -20.52 11.83 -1.50
C LYS C 7 -19.87 13.12 -1.05
N GLN C 8 -20.70 14.12 -0.77
CA GLN C 8 -20.21 15.42 -0.34
C GLN C 8 -19.45 15.32 0.97
N GLN C 9 -19.93 14.49 1.88
CA GLN C 9 -19.25 14.30 3.16
C GLN C 9 -17.94 13.55 3.03
N ILE C 10 -17.87 12.63 2.08
CA ILE C 10 -16.66 11.85 1.87
C ILE C 10 -15.65 12.79 1.21
N ARG C 11 -16.15 13.67 0.36
CA ARG C 11 -15.28 14.64 -0.28
C ARG C 11 -14.79 15.55 0.84
N TYR C 12 -15.70 15.89 1.74
CA TYR C 12 -15.35 16.74 2.87
C TYR C 12 -14.22 16.08 3.62
N CYS C 13 -14.48 14.86 4.10
CA CYS C 13 -13.48 14.10 4.86
C CYS C 13 -12.11 14.07 4.20
N LEU C 14 -12.07 13.71 2.93
CA LEU C 14 -10.81 13.64 2.20
C LEU C 14 -10.10 14.99 2.23
N ASP C 15 -10.84 16.06 1.91
CA ASP C 15 -10.25 17.40 1.92
C ASP C 15 -9.66 17.68 3.29
N GLU C 16 -10.32 17.21 4.34
CA GLU C 16 -9.84 17.43 5.70
C GLU C 16 -8.53 16.67 5.92
N MET C 17 -8.44 15.47 5.34
CA MET C 17 -7.23 14.66 5.46
C MET C 17 -6.09 15.30 4.66
N ALA C 18 -6.46 16.03 3.62
CA ALA C 18 -5.47 16.69 2.77
C ALA C 18 -4.88 17.91 3.48
N LYS C 19 -5.44 18.26 4.64
CA LYS C 19 -4.96 19.40 5.41
C LYS C 19 -4.04 18.94 6.55
N MET C 20 -4.30 17.74 7.06
CA MET C 20 -3.47 17.17 8.12
C MET C 20 -2.19 16.61 7.51
N PHE C 21 -2.32 16.09 6.29
CA PHE C 21 -1.19 15.47 5.61
C PHE C 21 -0.99 15.96 4.17
N PRO C 22 -0.60 17.23 4.01
CA PRO C 22 -0.37 17.82 2.69
C PRO C 22 0.74 17.07 1.91
N ASP C 23 1.81 16.73 2.62
CA ASP C 23 2.91 16.03 1.98
C ASP C 23 2.89 14.53 2.25
N ALA C 24 1.72 13.91 2.13
CA ALA C 24 1.64 12.46 2.37
C ALA C 24 2.24 11.80 1.14
N HIS C 25 2.94 10.70 1.36
CA HIS C 25 3.60 10.00 0.26
C HIS C 25 3.79 8.51 0.59
N CYS C 26 4.42 7.79 -0.34
CA CYS C 26 4.71 6.38 -0.13
C CYS C 26 5.95 6.40 0.77
N GLU C 27 5.95 5.62 1.82
CA GLU C 27 7.10 5.63 2.72
C GLU C 27 8.14 4.56 2.43
N LEU C 28 7.87 3.70 1.47
CA LEU C 28 8.83 2.66 1.09
C LEU C 28 9.98 3.32 0.34
N VAL C 29 11.19 3.20 0.87
CA VAL C 29 12.35 3.82 0.24
C VAL C 29 12.79 3.05 -0.99
N HIS C 30 12.77 3.71 -2.15
CA HIS C 30 13.17 3.07 -3.41
C HIS C 30 13.83 4.03 -4.39
N ARG C 31 14.56 3.48 -5.37
CA ARG C 31 15.23 4.32 -6.37
C ARG C 31 14.76 4.10 -7.79
N ASN C 32 14.06 2.99 -8.01
CA ASN C 32 13.57 2.67 -9.33
C ASN C 32 12.44 1.66 -9.18
N PRO C 33 11.59 1.53 -10.21
CA PRO C 33 10.46 0.60 -10.21
C PRO C 33 10.79 -0.80 -9.72
N PHE C 34 12.01 -1.25 -9.99
CA PHE C 34 12.39 -2.58 -9.57
C PHE C 34 12.50 -2.65 -8.07
N GLU C 35 13.14 -1.63 -7.49
CA GLU C 35 13.28 -1.61 -6.04
C GLU C 35 11.93 -1.44 -5.36
N LEU C 36 11.02 -0.68 -5.98
CA LEU C 36 9.70 -0.47 -5.41
C LEU C 36 8.96 -1.81 -5.36
N LEU C 37 8.93 -2.49 -6.50
CA LEU C 37 8.27 -3.78 -6.62
C LEU C 37 8.73 -4.78 -5.52
N ILE C 38 10.04 -4.93 -5.34
CA ILE C 38 10.53 -5.82 -4.29
C ILE C 38 10.05 -5.31 -2.93
N ALA C 39 10.23 -4.00 -2.70
CA ALA C 39 9.81 -3.41 -1.44
C ALA C 39 8.37 -3.75 -1.06
N VAL C 40 7.43 -3.48 -1.95
CA VAL C 40 6.02 -3.76 -1.66
C VAL C 40 5.81 -5.25 -1.42
N VAL C 41 6.41 -6.09 -2.24
CA VAL C 41 6.25 -7.52 -2.06
C VAL C 41 6.68 -7.91 -0.63
N LEU C 42 7.77 -7.30 -0.19
CA LEU C 42 8.30 -7.56 1.14
C LEU C 42 7.40 -6.94 2.20
N SER C 43 6.57 -6.00 1.79
CA SER C 43 5.64 -5.29 2.69
C SER C 43 4.49 -6.09 3.32
N ALA C 44 3.90 -7.01 2.57
CA ALA C 44 2.78 -7.78 3.08
C ALA C 44 2.88 -8.14 4.54
N GLN C 45 1.91 -7.70 5.33
CA GLN C 45 1.87 -8.00 6.77
C GLN C 45 3.16 -7.58 7.45
N CYS C 46 3.63 -6.39 7.10
CA CYS C 46 4.85 -5.86 7.66
C CYS C 46 4.88 -4.35 7.55
N THR C 47 5.49 -3.71 8.53
CA THR C 47 5.58 -2.25 8.55
C THR C 47 6.51 -1.76 7.48
N ASP C 48 6.22 -0.58 6.95
CA ASP C 48 7.09 0.01 5.94
C ASP C 48 8.44 0.27 6.61
N ALA C 49 8.40 0.83 7.81
CA ALA C 49 9.61 1.15 8.55
C ALA C 49 10.57 -0.03 8.53
N LEU C 50 10.07 -1.21 8.91
CA LEU C 50 10.93 -2.39 8.93
C LEU C 50 11.45 -2.73 7.53
N VAL C 51 10.59 -2.68 6.51
CA VAL C 51 11.03 -2.98 5.15
C VAL C 51 12.21 -2.06 4.80
N ASN C 52 12.05 -0.77 5.04
CA ASN C 52 13.14 0.16 4.74
C ASN C 52 14.40 -0.25 5.49
N LYS C 53 14.24 -0.65 6.76
CA LYS C 53 15.40 -1.05 7.55
C LYS C 53 16.18 -2.15 6.84
N VAL C 54 15.47 -3.18 6.37
CA VAL C 54 16.10 -4.30 5.69
C VAL C 54 16.60 -4.00 4.27
N THR C 55 15.76 -3.41 3.43
CA THR C 55 16.18 -3.12 2.06
C THR C 55 17.39 -2.20 2.03
N LYS C 56 17.59 -1.44 3.10
CA LYS C 56 18.74 -0.53 3.17
C LYS C 56 20.00 -1.27 2.75
N ARG C 57 20.18 -2.47 3.32
CA ARG C 57 21.34 -3.29 2.99
C ARG C 57 21.01 -4.19 1.80
N LEU C 58 19.83 -4.79 1.84
CA LEU C 58 19.37 -5.69 0.77
C LEU C 58 19.54 -5.13 -0.63
N PHE C 59 19.16 -3.87 -0.82
CA PHE C 59 19.25 -3.24 -2.12
C PHE C 59 20.65 -2.85 -2.55
N GLU C 60 21.63 -3.14 -1.70
CA GLU C 60 23.01 -2.86 -2.04
C GLU C 60 23.63 -4.15 -2.55
N LYS C 61 23.20 -5.27 -1.97
CA LYS C 61 23.69 -6.59 -2.36
C LYS C 61 22.99 -7.03 -3.65
N TYR C 62 21.70 -6.74 -3.75
CA TYR C 62 20.91 -7.08 -4.93
C TYR C 62 20.41 -5.80 -5.58
N ARG C 63 20.63 -5.66 -6.88
CA ARG C 63 20.18 -4.47 -7.58
C ARG C 63 19.46 -4.79 -8.90
N THR C 64 19.49 -6.04 -9.31
CA THR C 64 18.82 -6.43 -10.56
C THR C 64 18.15 -7.77 -10.40
N PRO C 65 17.19 -8.08 -11.28
CA PRO C 65 16.52 -9.38 -11.16
C PRO C 65 17.52 -10.53 -11.25
N HIS C 66 18.60 -10.34 -12.00
CA HIS C 66 19.60 -11.38 -12.13
C HIS C 66 20.36 -11.63 -10.81
N ASP C 67 20.47 -10.60 -9.98
CA ASP C 67 21.19 -10.74 -8.71
C ASP C 67 20.44 -11.63 -7.73
N TYR C 68 19.11 -11.54 -7.75
CA TYR C 68 18.25 -12.31 -6.86
C TYR C 68 18.21 -13.78 -7.16
N ILE C 69 18.08 -14.13 -8.45
CA ILE C 69 18.02 -15.54 -8.81
C ILE C 69 19.40 -16.22 -8.86
N ALA C 70 20.47 -15.46 -8.61
CA ALA C 70 21.81 -16.05 -8.64
C ALA C 70 22.18 -16.78 -7.35
N VAL C 71 21.55 -16.40 -6.24
CA VAL C 71 21.84 -17.02 -4.95
C VAL C 71 20.84 -18.13 -4.60
N PRO C 72 21.24 -19.06 -3.72
CA PRO C 72 20.34 -20.14 -3.35
C PRO C 72 19.24 -19.56 -2.48
N LEU C 73 18.07 -20.18 -2.52
CA LEU C 73 16.94 -19.72 -1.75
C LEU C 73 17.35 -19.41 -0.31
N GLU C 74 18.05 -20.37 0.31
CA GLU C 74 18.51 -20.20 1.70
C GLU C 74 19.11 -18.84 1.96
N GLU C 75 20.11 -18.47 1.16
CA GLU C 75 20.78 -17.19 1.33
C GLU C 75 19.78 -16.03 1.33
N LEU C 76 19.03 -15.90 0.25
CA LEU C 76 18.04 -14.83 0.16
C LEU C 76 17.11 -14.83 1.37
N GLU C 77 16.79 -16.02 1.88
CA GLU C 77 15.90 -16.13 3.04
C GLU C 77 16.53 -15.41 4.23
N GLN C 78 17.82 -15.68 4.48
CA GLN C 78 18.49 -15.04 5.61
C GLN C 78 18.66 -13.54 5.39
N ASP C 79 18.76 -13.13 4.13
CA ASP C 79 18.89 -11.71 3.81
C ASP C 79 17.62 -10.94 4.20
N ILE C 80 16.47 -11.63 4.15
CA ILE C 80 15.21 -11.01 4.52
C ILE C 80 14.53 -11.73 5.68
N ARG C 81 15.35 -12.31 6.57
CA ARG C 81 14.85 -13.05 7.73
C ARG C 81 14.02 -12.21 8.69
N SER C 82 14.42 -10.96 8.92
CA SER C 82 13.71 -10.06 9.84
C SER C 82 12.26 -9.75 9.45
N ILE C 83 12.03 -9.67 8.15
CA ILE C 83 10.71 -9.33 7.60
C ILE C 83 9.53 -10.22 8.03
N GLY C 84 9.71 -11.53 8.02
CA GLY C 84 8.63 -12.42 8.38
C GLY C 84 7.95 -12.85 7.10
N LEU C 85 7.60 -14.12 6.98
CA LEU C 85 6.99 -14.65 5.76
C LEU C 85 8.13 -14.65 4.74
N TYR C 86 9.35 -14.73 5.25
CA TYR C 86 10.52 -14.70 4.39
C TYR C 86 10.70 -15.92 3.49
N ARG C 87 10.06 -17.02 3.81
CA ARG C 87 10.20 -18.21 2.97
C ARG C 87 9.48 -17.99 1.65
N ASN C 88 8.17 -17.74 1.73
CA ASN C 88 7.36 -17.51 0.54
C ASN C 88 7.83 -16.28 -0.20
N LYS C 89 8.18 -15.24 0.55
CA LYS C 89 8.66 -14.02 -0.08
C LYS C 89 9.94 -14.29 -0.86
N ALA C 90 10.86 -15.03 -0.27
CA ALA C 90 12.10 -15.36 -0.95
C ALA C 90 11.84 -16.21 -2.20
N ARG C 91 10.90 -17.13 -2.11
CA ARG C 91 10.60 -17.97 -3.26
C ARG C 91 9.92 -17.10 -4.31
N ASN C 92 8.98 -16.27 -3.85
CA ASN C 92 8.25 -15.38 -4.75
C ASN C 92 9.19 -14.44 -5.51
N ILE C 93 10.00 -13.69 -4.78
CA ILE C 93 10.94 -12.79 -5.42
C ILE C 93 11.74 -13.48 -6.52
N GLN C 94 12.42 -14.58 -6.19
CA GLN C 94 13.22 -15.27 -7.20
C GLN C 94 12.39 -15.62 -8.43
N LYS C 95 11.20 -16.17 -8.23
CA LYS C 95 10.36 -16.53 -9.36
C LYS C 95 9.92 -15.28 -10.06
N LEU C 96 9.60 -14.27 -9.28
CA LEU C 96 9.18 -12.99 -9.82
C LEU C 96 10.26 -12.44 -10.74
N CYS C 97 11.50 -12.48 -10.28
CA CYS C 97 12.61 -11.97 -11.09
C CYS C 97 12.78 -12.76 -12.38
N ALA C 98 12.59 -14.07 -12.30
CA ALA C 98 12.73 -14.94 -13.47
C ALA C 98 11.74 -14.51 -14.56
N MET C 99 10.52 -14.18 -14.13
CA MET C 99 9.47 -13.77 -15.03
C MET C 99 9.82 -12.47 -15.71
N LEU C 100 10.27 -11.50 -14.92
CA LEU C 100 10.66 -10.22 -15.49
C LEU C 100 11.55 -10.52 -16.68
N ILE C 101 12.52 -11.41 -16.48
CA ILE C 101 13.45 -11.81 -17.52
C ILE C 101 12.81 -12.60 -18.66
N ASP C 102 12.08 -13.65 -18.30
CA ASP C 102 11.46 -14.51 -19.32
C ASP C 102 10.34 -13.86 -20.12
N LYS C 103 9.46 -13.10 -19.47
CA LYS C 103 8.32 -12.48 -20.17
C LYS C 103 8.26 -10.96 -20.24
N TYR C 104 9.07 -10.26 -19.43
CA TYR C 104 9.00 -8.80 -19.45
C TYR C 104 10.28 -8.05 -19.82
N ASN C 105 11.01 -8.60 -20.79
CA ASN C 105 12.23 -7.99 -21.30
C ASN C 105 13.12 -7.42 -20.18
N GLY C 106 13.20 -8.16 -19.07
CA GLY C 106 14.05 -7.77 -17.96
C GLY C 106 13.65 -6.54 -17.17
N GLU C 107 12.57 -5.88 -17.57
CA GLU C 107 12.12 -4.68 -16.90
C GLU C 107 10.89 -4.96 -16.06
N VAL C 108 10.36 -3.93 -15.42
CA VAL C 108 9.15 -4.05 -14.60
C VAL C 108 7.99 -3.60 -15.48
N PRO C 109 6.98 -4.48 -15.66
CA PRO C 109 5.81 -4.16 -16.48
C PRO C 109 4.99 -3.01 -15.90
N ARG C 110 4.47 -2.16 -16.78
CA ARG C 110 3.68 -1.02 -16.34
C ARG C 110 2.19 -1.27 -16.37
N ASP C 111 1.79 -2.52 -16.62
CA ASP C 111 0.37 -2.87 -16.67
C ASP C 111 -0.04 -3.56 -15.37
N ARG C 112 -0.98 -2.92 -14.67
CA ARG C 112 -1.49 -3.41 -13.39
C ARG C 112 -1.83 -4.90 -13.42
N ASP C 113 -2.62 -5.32 -14.40
CA ASP C 113 -3.00 -6.73 -14.49
C ASP C 113 -1.77 -7.58 -14.74
N GLU C 114 -0.83 -7.07 -15.55
CA GLU C 114 0.38 -7.84 -15.80
C GLU C 114 1.13 -8.06 -14.48
N LEU C 115 1.25 -7.00 -13.68
CA LEU C 115 1.96 -7.13 -12.41
C LEU C 115 1.38 -8.23 -11.55
N MET C 116 0.06 -8.33 -11.51
CA MET C 116 -0.59 -9.35 -10.71
C MET C 116 -0.21 -10.78 -11.11
N LYS C 117 0.35 -10.95 -12.30
CA LYS C 117 0.76 -12.29 -12.71
C LYS C 117 1.97 -12.68 -11.87
N LEU C 118 2.66 -11.68 -11.34
CA LEU C 118 3.84 -11.91 -10.50
C LEU C 118 3.48 -12.42 -9.11
N PRO C 119 4.15 -13.50 -8.67
CA PRO C 119 3.97 -14.16 -7.36
C PRO C 119 4.23 -13.19 -6.24
N GLY C 120 3.30 -13.07 -5.30
CA GLY C 120 3.49 -12.16 -4.19
C GLY C 120 2.92 -10.79 -4.52
N VAL C 121 2.52 -10.62 -5.77
CA VAL C 121 1.94 -9.36 -6.21
C VAL C 121 0.44 -9.52 -6.45
N GLY C 122 -0.34 -8.95 -5.53
CA GLY C 122 -1.79 -8.95 -5.60
C GLY C 122 -2.26 -7.60 -6.16
N ARG C 123 -3.56 -7.37 -6.19
CA ARG C 123 -4.07 -6.11 -6.73
C ARG C 123 -3.51 -4.89 -6.03
N LYS C 124 -3.59 -4.90 -4.70
CA LYS C 124 -3.10 -3.80 -3.89
C LYS C 124 -1.66 -3.45 -4.26
N THR C 125 -0.80 -4.47 -4.28
CA THR C 125 0.59 -4.28 -4.60
C THR C 125 0.74 -3.75 -6.01
N ALA C 126 -0.02 -4.32 -6.95
CA ALA C 126 0.03 -3.88 -8.33
C ALA C 126 -0.40 -2.41 -8.46
N ASN C 127 -1.36 -1.98 -7.66
CA ASN C 127 -1.82 -0.60 -7.74
C ASN C 127 -0.77 0.39 -7.23
N VAL C 128 -0.11 0.03 -6.13
CA VAL C 128 0.94 0.88 -5.56
C VAL C 128 2.02 1.10 -6.61
N VAL C 129 2.41 0.02 -7.29
CA VAL C 129 3.45 0.11 -8.29
C VAL C 129 3.13 0.98 -9.50
N VAL C 130 1.99 0.74 -10.15
CA VAL C 130 1.68 1.54 -11.33
C VAL C 130 1.63 3.01 -10.96
N SER C 131 0.95 3.30 -9.86
CA SER C 131 0.77 4.66 -9.36
C SER C 131 2.00 5.39 -8.84
N THR C 132 2.81 4.73 -8.03
CA THR C 132 3.99 5.39 -7.46
C THR C 132 5.18 5.40 -8.42
N ALA C 133 5.40 4.28 -9.07
CA ALA C 133 6.51 4.18 -9.99
C ALA C 133 6.16 4.69 -11.38
N PHE C 134 4.95 4.38 -11.85
CA PHE C 134 4.55 4.77 -13.20
C PHE C 134 3.51 5.85 -13.42
N GLY C 135 3.09 6.52 -12.34
CA GLY C 135 2.13 7.59 -12.46
C GLY C 135 0.75 7.23 -12.94
N VAL C 136 0.46 5.93 -13.04
CA VAL C 136 -0.85 5.49 -13.48
C VAL C 136 -1.84 5.60 -12.32
N PRO C 137 -2.77 6.57 -12.39
CA PRO C 137 -3.74 6.75 -11.31
C PRO C 137 -4.34 5.43 -10.84
N ALA C 138 -4.37 5.24 -9.53
CA ALA C 138 -4.90 4.04 -8.94
C ALA C 138 -4.97 4.16 -7.42
N ILE C 139 -5.96 3.49 -6.85
CA ILE C 139 -6.16 3.51 -5.41
C ILE C 139 -5.88 2.15 -4.82
N ALA C 140 -4.73 2.02 -4.17
CA ALA C 140 -4.34 0.77 -3.55
C ALA C 140 -4.99 0.72 -2.17
N VAL C 141 -5.88 -0.25 -1.99
CA VAL C 141 -6.59 -0.38 -0.73
C VAL C 141 -5.89 -1.35 0.21
N ASP C 142 -5.29 -0.81 1.28
CA ASP C 142 -4.61 -1.64 2.25
C ASP C 142 -5.22 -1.47 3.63
N THR C 143 -4.66 -2.16 4.63
CA THR C 143 -5.21 -2.10 5.98
C THR C 143 -5.69 -0.72 6.40
N HIS C 144 -4.86 0.30 6.18
CA HIS C 144 -5.18 1.66 6.56
C HIS C 144 -6.28 2.31 5.75
N VAL C 145 -6.40 1.94 4.48
CA VAL C 145 -7.44 2.54 3.66
C VAL C 145 -8.77 1.86 3.95
N GLU C 146 -8.72 0.54 4.17
CA GLU C 146 -9.94 -0.20 4.43
C GLU C 146 -10.56 0.21 5.76
N ARG C 147 -9.73 0.29 6.79
CA ARG C 147 -10.21 0.66 8.11
C ARG C 147 -10.78 2.06 8.07
N VAL C 148 -9.98 3.02 7.61
CA VAL C 148 -10.43 4.40 7.55
C VAL C 148 -11.77 4.46 6.84
N SER C 149 -11.85 3.88 5.66
CA SER C 149 -13.10 3.90 4.91
C SER C 149 -14.26 3.35 5.75
N LYS C 150 -14.02 2.23 6.42
CA LYS C 150 -15.11 1.62 7.18
C LYS C 150 -15.56 2.32 8.46
N ARG C 151 -14.63 2.93 9.18
CA ARG C 151 -14.98 3.63 10.41
C ARG C 151 -15.75 4.92 10.11
N LEU C 152 -15.27 5.68 9.14
CA LEU C 152 -15.88 6.94 8.73
C LEU C 152 -17.21 6.74 8.00
N GLY C 153 -17.44 5.53 7.49
CA GLY C 153 -18.68 5.27 6.77
C GLY C 153 -18.58 5.61 5.30
N PHE C 154 -17.38 5.49 4.75
CA PHE C 154 -17.18 5.74 3.33
C PHE C 154 -17.91 4.61 2.61
N CYS C 155 -17.97 3.45 3.26
CA CYS C 155 -18.64 2.29 2.68
C CYS C 155 -19.15 1.40 3.81
N ARG C 156 -19.71 0.25 3.44
CA ARG C 156 -20.26 -0.72 4.39
C ARG C 156 -19.17 -1.43 5.17
N TRP C 157 -19.40 -1.67 6.45
CA TRP C 157 -18.43 -2.37 7.27
C TRP C 157 -18.16 -3.77 6.75
N ASP C 158 -18.95 -4.19 5.75
CA ASP C 158 -18.78 -5.54 5.21
C ASP C 158 -18.34 -5.66 3.75
N ASP C 159 -17.94 -4.54 3.13
CA ASP C 159 -17.50 -4.56 1.73
C ASP C 159 -16.09 -5.10 1.54
N SER C 160 -15.85 -5.68 0.37
CA SER C 160 -14.53 -6.23 0.04
C SER C 160 -13.62 -5.03 -0.27
N VAL C 161 -12.31 -5.23 -0.14
CA VAL C 161 -11.37 -4.15 -0.42
C VAL C 161 -11.63 -3.68 -1.83
N LEU C 162 -12.06 -4.62 -2.67
CA LEU C 162 -12.37 -4.30 -4.06
C LEU C 162 -13.55 -3.33 -4.11
N GLU C 163 -14.58 -3.60 -3.31
CA GLU C 163 -15.76 -2.74 -3.26
C GLU C 163 -15.35 -1.35 -2.76
N VAL C 164 -14.43 -1.33 -1.81
CA VAL C 164 -13.95 -0.05 -1.28
C VAL C 164 -13.25 0.69 -2.40
N GLU C 165 -12.38 -0.02 -3.12
CA GLU C 165 -11.64 0.56 -4.21
C GLU C 165 -12.60 1.16 -5.22
N LYS C 166 -13.58 0.37 -5.66
CA LYS C 166 -14.57 0.86 -6.62
C LYS C 166 -15.34 2.05 -6.06
N THR C 167 -15.67 2.01 -4.78
CA THR C 167 -16.40 3.11 -4.17
C THR C 167 -15.56 4.38 -4.29
N LEU C 168 -14.35 4.34 -3.77
CA LEU C 168 -13.48 5.50 -3.85
C LEU C 168 -13.32 5.97 -5.29
N MET C 169 -13.09 5.04 -6.22
CA MET C 169 -12.91 5.42 -7.62
C MET C 169 -14.10 6.22 -8.14
N LYS C 170 -15.29 5.87 -7.67
CA LYS C 170 -16.51 6.54 -8.08
C LYS C 170 -16.52 7.99 -7.60
N ILE C 171 -15.87 8.24 -6.47
CA ILE C 171 -15.83 9.58 -5.89
C ILE C 171 -14.66 10.45 -6.36
N ILE C 172 -13.48 10.18 -5.82
CA ILE C 172 -12.28 10.95 -6.15
C ILE C 172 -12.02 11.06 -7.65
N PRO C 173 -11.63 12.25 -8.11
CA PRO C 173 -11.35 12.38 -9.54
C PRO C 173 -10.11 11.55 -9.84
N LYS C 174 -10.10 10.95 -11.02
CA LYS C 174 -9.00 10.11 -11.48
C LYS C 174 -7.65 10.77 -11.17
N GLU C 175 -7.59 12.08 -11.32
CA GLU C 175 -6.37 12.85 -11.08
C GLU C 175 -5.88 12.85 -9.64
N GLU C 176 -6.75 12.53 -8.67
CA GLU C 176 -6.32 12.57 -7.28
C GLU C 176 -6.36 11.26 -6.51
N TRP C 177 -6.54 10.17 -7.24
CA TRP C 177 -6.58 8.86 -6.63
C TRP C 177 -5.32 8.58 -5.83
N SER C 178 -4.18 8.62 -6.51
CA SER C 178 -2.91 8.33 -5.85
C SER C 178 -2.66 9.15 -4.61
N ILE C 179 -2.68 10.47 -4.75
CA ILE C 179 -2.45 11.34 -3.62
C ILE C 179 -3.47 11.09 -2.52
N THR C 180 -4.74 11.00 -2.91
CA THR C 180 -5.79 10.74 -1.91
C THR C 180 -5.43 9.49 -1.13
N HIS C 181 -5.24 8.39 -1.86
CA HIS C 181 -4.87 7.11 -1.26
C HIS C 181 -3.76 7.32 -0.23
N HIS C 182 -2.73 8.07 -0.60
CA HIS C 182 -1.62 8.33 0.32
C HIS C 182 -2.04 9.08 1.58
N ARG C 183 -2.92 10.06 1.43
CA ARG C 183 -3.37 10.82 2.59
C ARG C 183 -4.16 9.90 3.51
N MET C 184 -4.95 9.00 2.93
CA MET C 184 -5.71 8.08 3.77
C MET C 184 -4.79 7.17 4.53
N ILE C 185 -3.75 6.68 3.87
CA ILE C 185 -2.81 5.80 4.57
C ILE C 185 -2.25 6.55 5.78
N PHE C 186 -1.81 7.78 5.54
CA PHE C 186 -1.27 8.64 6.58
C PHE C 186 -2.30 8.90 7.67
N PHE C 187 -3.51 9.25 7.23
CA PHE C 187 -4.60 9.53 8.16
C PHE C 187 -4.83 8.35 9.08
N GLY C 188 -4.74 7.15 8.51
CA GLY C 188 -4.95 5.96 9.32
C GLY C 188 -3.70 5.48 10.04
N ARG C 189 -2.55 5.54 9.36
CA ARG C 189 -1.32 5.07 9.98
C ARG C 189 -0.91 5.95 11.16
N TYR C 190 -1.08 7.26 11.01
CA TYR C 190 -0.69 8.21 12.03
C TYR C 190 -1.79 8.88 12.86
N HIS C 191 -3.06 8.69 12.52
CA HIS C 191 -4.12 9.34 13.30
C HIS C 191 -5.21 8.36 13.72
N CYS C 192 -6.00 7.93 12.76
CA CYS C 192 -7.07 6.98 12.99
C CYS C 192 -6.43 5.61 13.05
N LYS C 193 -5.52 5.44 14.00
CA LYS C 193 -4.80 4.19 14.18
C LYS C 193 -5.70 3.07 14.70
N ALA C 194 -5.46 1.86 14.21
CA ALA C 194 -6.23 0.68 14.61
C ALA C 194 -6.30 0.49 16.13
N GLN C 195 -5.14 0.42 16.77
CA GLN C 195 -5.10 0.24 18.21
C GLN C 195 -5.86 1.33 18.95
N SER C 196 -5.30 2.53 18.95
CA SER C 196 -5.93 3.64 19.65
C SER C 196 -6.07 4.88 18.81
N PRO C 197 -7.20 5.05 18.12
CA PRO C 197 -7.46 6.21 17.26
C PRO C 197 -7.53 7.51 18.06
N GLN C 198 -7.10 8.62 17.44
CA GLN C 198 -7.11 9.92 18.08
C GLN C 198 -8.45 10.63 17.87
N CYS C 199 -9.53 9.91 18.16
CA CYS C 199 -10.89 10.42 17.98
C CYS C 199 -11.15 11.74 18.71
N PRO C 200 -10.77 11.84 20.00
CA PRO C 200 -10.96 13.04 20.83
C PRO C 200 -10.63 14.35 20.12
N SER C 201 -9.59 14.35 19.31
CA SER C 201 -9.16 15.54 18.59
C SER C 201 -9.35 15.39 17.07
N CYS C 202 -10.17 14.43 16.67
CA CYS C 202 -10.35 14.23 15.24
C CYS C 202 -11.34 15.19 14.61
N PRO C 203 -10.86 15.98 13.64
CA PRO C 203 -11.62 16.99 12.88
C PRO C 203 -12.83 16.39 12.18
N LEU C 204 -12.93 15.06 12.23
CA LEU C 204 -14.01 14.34 11.58
C LEU C 204 -14.94 13.62 12.55
N LEU C 205 -14.68 13.78 13.84
CA LEU C 205 -15.51 13.14 14.85
C LEU C 205 -16.99 13.54 14.66
N HIS C 206 -17.24 14.77 14.23
CA HIS C 206 -18.62 15.26 14.07
C HIS C 206 -19.50 14.45 13.13
N LEU C 207 -18.92 13.81 12.12
CA LEU C 207 -19.69 13.00 11.19
C LEU C 207 -19.25 11.55 11.20
N CYS C 208 -18.36 11.22 12.14
CA CYS C 208 -17.86 9.87 12.23
C CYS C 208 -18.55 9.00 13.26
N ARG C 209 -19.39 8.08 12.79
CA ARG C 209 -20.12 7.19 13.68
C ARG C 209 -19.17 6.41 14.60
N GLU C 210 -18.03 6.02 14.07
CA GLU C 210 -17.04 5.26 14.85
C GLU C 210 -16.43 6.08 15.94
N GLY C 211 -16.19 7.36 15.67
CA GLY C 211 -15.63 8.24 16.67
C GLY C 211 -16.62 8.40 17.82
N LYS C 212 -17.81 8.91 17.50
CA LYS C 212 -18.85 9.12 18.51
C LYS C 212 -19.00 7.84 19.35
N LYS C 213 -19.17 6.70 18.68
CA LYS C 213 -19.31 5.42 19.35
C LYS C 213 -18.17 5.20 20.32
N ARG C 214 -16.94 5.48 19.89
CA ARG C 214 -15.77 5.32 20.75
C ARG C 214 -15.74 6.31 21.90
N MET C 215 -16.23 7.53 21.66
CA MET C 215 -16.26 8.57 22.68
C MET C 215 -17.16 8.17 23.84
N ARG C 216 -18.35 7.66 23.52
CA ARG C 216 -19.28 7.23 24.55
C ARG C 216 -18.64 6.11 25.38
N LYS C 217 -18.35 4.98 24.74
CA LYS C 217 -17.72 3.88 25.44
C LYS C 217 -16.39 4.28 26.07
#